data_1MEZ
#
_entry.id   1MEZ
#
_cell.length_a   70.630
_cell.length_b   70.630
_cell.length_c   196.710
_cell.angle_alpha   90.00
_cell.angle_beta   90.00
_cell.angle_gamma   90.00
#
_symmetry.space_group_name_H-M   'P 43 21 2'
#
loop_
_entity.id
_entity.type
_entity.pdbx_description
1 polymer 'Adenylosuccinate Synthetase'
2 non-polymer 'MAGNESIUM ION'
3 non-polymer 'SULFATE ION'
4 non-polymer "GUANOSINE-5'-DIPHOSPHATE"
5 non-polymer '2-[9-(3,4-DIHYDROXY-5-PHOSPHONOOXYMETHYL-TETRAHYDRO-FURAN-2-YL)-9H-PURIN-6-YLAMINO]-SUCCINIC ACID'
6 water water
#
_entity_poly.entity_id   1
_entity_poly.type   'polypeptide(L)'
_entity_poly.pdbx_seq_one_letter_code
;MSGTRASNDRPPGTGGVKRGRLQQEAAATGSRVTVVLGAQWGDEGKGKVVDLLATDADIVSRCQGGNNAGHTVVVDGKEY
DFHLLPSGIINTKAVSFIGNGVVIHLPGLFEEAEKNEKKGLKDWEKRLIISDRAHLVFDFHQAVDGLQEVQRQAQEGKNI
GTTKKGIGPTYSSKAARTGLRICDLLSDFDEFSARFKNLAHQHQSMFPTLEIDVEGQLKRLKGFAERIRPMVRDGVYFMY
EALHGPPKKVLVEGANAALLDIDFGTYPFVTSSNCTVGGVCTGLGIPPQNIGDVYGVVKAYTTRVGIGAFPTEQINEIGD
LLQNRGHEWGVTTGRKRRCGWLDLMILRYAHMVNGFTALALTKLDILDVLSEIKVGISYKLNGKRIPYFPANQEILQKVE
VEYETLPGWKADTTGARKWEDLPPQAQSYVRFVENHMGVAVKWVGVGKSRESMIQLF
;
_entity_poly.pdbx_strand_id   A
#
# COMPACT_ATOMS: atom_id res chain seq x y z
N ALA A 28 -16.20 19.76 17.27
CA ALA A 28 -15.78 19.63 18.70
C ALA A 28 -14.55 18.75 18.83
N THR A 29 -14.76 17.43 18.92
CA THR A 29 -13.65 16.49 19.02
C THR A 29 -12.68 16.73 17.87
N GLY A 30 -13.18 17.35 16.80
CA GLY A 30 -12.35 17.64 15.65
C GLY A 30 -12.86 17.05 14.35
N SER A 31 -12.08 17.26 13.28
CA SER A 31 -12.43 16.73 11.97
C SER A 31 -12.17 15.23 11.92
N ARG A 32 -12.80 14.56 10.97
CA ARG A 32 -12.58 13.13 10.81
C ARG A 32 -11.92 12.92 9.45
N VAL A 33 -10.79 12.21 9.45
CA VAL A 33 -10.05 11.97 8.21
C VAL A 33 -10.71 10.89 7.34
N THR A 34 -10.36 10.90 6.07
CA THR A 34 -10.86 9.92 5.11
C THR A 34 -9.71 8.97 4.84
N VAL A 35 -9.99 7.67 4.87
CA VAL A 35 -8.95 6.68 4.65
C VAL A 35 -9.19 5.83 3.42
N VAL A 36 -8.12 5.58 2.67
CA VAL A 36 -8.16 4.73 1.48
C VAL A 36 -7.25 3.54 1.76
N LEU A 37 -7.84 2.35 1.81
CA LEU A 37 -7.08 1.13 2.12
C LEU A 37 -7.18 0.05 1.06
N GLY A 38 -6.16 -0.79 0.99
CA GLY A 38 -6.14 -1.89 0.05
C GLY A 38 -6.87 -3.06 0.68
N ALA A 39 -7.75 -3.72 -0.08
CA ALA A 39 -8.52 -4.83 0.45
C ALA A 39 -8.04 -6.24 0.11
N GLN A 40 -6.99 -6.33 -0.71
CA GLN A 40 -6.48 -7.64 -1.11
C GLN A 40 -5.00 -7.76 -0.78
N TRP A 41 -4.15 -7.87 -1.80
CA TRP A 41 -2.71 -7.95 -1.60
C TRP A 41 -2.01 -6.78 -2.29
N GLY A 42 -2.63 -5.61 -2.25
CA GLY A 42 -2.03 -4.43 -2.84
C GLY A 42 -2.25 -4.22 -4.33
N ASP A 43 -1.73 -3.09 -4.82
CA ASP A 43 -1.82 -2.72 -6.22
C ASP A 43 -3.25 -2.75 -6.74
N GLU A 44 -4.19 -2.42 -5.87
CA GLU A 44 -5.60 -2.40 -6.22
C GLU A 44 -5.97 -1.10 -6.93
N GLY A 45 -5.11 -0.09 -6.79
CA GLY A 45 -5.37 1.20 -7.41
C GLY A 45 -5.49 2.30 -6.38
N LYS A 46 -4.80 2.14 -5.26
CA LYS A 46 -4.83 3.13 -4.19
C LYS A 46 -4.35 4.50 -4.65
N GLY A 47 -3.28 4.55 -5.43
CA GLY A 47 -2.79 5.83 -5.91
C GLY A 47 -3.88 6.55 -6.70
N LYS A 48 -4.60 5.79 -7.52
CA LYS A 48 -5.67 6.36 -8.32
C LYS A 48 -6.78 6.96 -7.47
N VAL A 49 -7.31 6.18 -6.53
CA VAL A 49 -8.38 6.63 -5.66
C VAL A 49 -7.95 7.83 -4.81
N VAL A 50 -6.72 7.77 -4.28
CA VAL A 50 -6.22 8.87 -3.46
C VAL A 50 -6.04 10.14 -4.29
N ASP A 51 -5.54 9.99 -5.53
CA ASP A 51 -5.35 11.16 -6.37
C ASP A 51 -6.69 11.85 -6.59
N LEU A 52 -7.70 11.04 -6.88
CA LEU A 52 -9.04 11.54 -7.14
C LEU A 52 -9.63 12.29 -5.95
N LEU A 53 -9.43 11.74 -4.76
CA LEU A 53 -9.96 12.34 -3.54
C LEU A 53 -9.12 13.49 -3.01
N ALA A 54 -7.87 13.60 -3.46
CA ALA A 54 -6.99 14.65 -2.95
C ALA A 54 -7.11 15.97 -3.64
N THR A 55 -7.98 16.06 -4.65
CA THR A 55 -8.16 17.29 -5.40
C THR A 55 -8.50 18.47 -4.49
N ASP A 56 -9.46 18.26 -3.59
CA ASP A 56 -9.84 19.34 -2.66
C ASP A 56 -9.40 19.04 -1.23
N ALA A 57 -8.39 18.19 -1.07
CA ALA A 57 -7.87 17.82 0.25
C ALA A 57 -6.88 18.84 0.79
N ASP A 58 -6.98 19.14 2.08
CA ASP A 58 -6.09 20.10 2.70
C ASP A 58 -4.79 19.39 3.07
N ILE A 59 -4.91 18.13 3.48
CA ILE A 59 -3.75 17.34 3.84
C ILE A 59 -3.89 15.90 3.34
N VAL A 60 -2.83 15.40 2.71
CA VAL A 60 -2.83 14.02 2.23
C VAL A 60 -1.66 13.37 2.94
N SER A 61 -1.93 12.30 3.69
CA SER A 61 -0.87 11.65 4.44
C SER A 61 -0.67 10.17 4.23
N ARG A 62 0.50 9.73 4.67
CA ARG A 62 0.93 8.35 4.56
C ARG A 62 1.24 7.90 6.00
N CYS A 63 0.67 6.76 6.42
CA CYS A 63 0.85 6.28 7.79
C CYS A 63 1.77 5.08 8.09
N GLN A 64 1.86 4.11 7.18
CA GLN A 64 2.71 2.95 7.43
C GLN A 64 3.50 2.56 6.17
N GLY A 65 4.33 1.52 6.30
CA GLY A 65 5.13 1.07 5.17
C GLY A 65 6.22 2.06 4.79
N GLY A 66 6.91 1.78 3.67
CA GLY A 66 7.98 2.64 3.18
C GLY A 66 7.90 2.82 1.67
N ASN A 67 9.03 2.81 0.97
CA ASN A 67 8.99 2.95 -0.48
C ASN A 67 8.84 1.57 -1.15
N ASN A 68 8.51 0.57 -0.35
CA ASN A 68 8.27 -0.76 -0.88
C ASN A 68 6.92 -0.60 -1.62
N ALA A 69 6.16 0.40 -1.19
CA ALA A 69 4.87 0.71 -1.77
C ALA A 69 5.05 1.35 -3.14
N GLY A 70 4.09 1.12 -4.03
CA GLY A 70 4.17 1.70 -5.36
C GLY A 70 2.78 2.12 -5.80
N HIS A 71 2.56 3.42 -5.80
CA HIS A 71 1.26 3.95 -6.19
C HIS A 71 1.32 4.74 -7.48
N THR A 72 0.52 4.30 -8.45
CA THR A 72 0.46 4.89 -9.77
C THR A 72 -0.65 5.90 -9.93
N VAL A 73 -0.29 7.11 -10.34
CA VAL A 73 -1.24 8.19 -10.56
C VAL A 73 -1.17 8.61 -12.01
N VAL A 74 -2.32 8.84 -12.63
CA VAL A 74 -2.36 9.27 -14.03
C VAL A 74 -3.30 10.46 -14.17
N VAL A 75 -2.74 11.61 -14.57
CA VAL A 75 -3.53 12.82 -14.75
C VAL A 75 -3.01 13.64 -15.92
N ASP A 76 -3.83 13.77 -16.97
CA ASP A 76 -3.45 14.53 -18.15
C ASP A 76 -2.22 13.95 -18.84
N GLY A 77 -2.30 12.69 -19.23
CA GLY A 77 -1.16 12.06 -19.89
C GLY A 77 -0.05 11.68 -18.94
N LYS A 78 0.45 12.67 -18.19
CA LYS A 78 1.53 12.43 -17.23
C LYS A 78 1.23 11.29 -16.24
N GLU A 79 2.15 10.35 -16.14
CA GLU A 79 2.00 9.23 -15.22
C GLU A 79 3.08 9.34 -14.13
N TYR A 80 2.69 9.08 -12.90
CA TYR A 80 3.61 9.14 -11.77
C TYR A 80 3.56 7.84 -10.98
N ASP A 81 4.66 7.49 -10.34
CA ASP A 81 4.67 6.32 -9.48
C ASP A 81 5.31 6.77 -8.17
N PHE A 82 4.48 6.92 -7.15
CA PHE A 82 4.96 7.37 -5.85
C PHE A 82 5.28 6.18 -4.97
N HIS A 83 6.23 6.36 -4.06
CA HIS A 83 6.64 5.28 -3.19
C HIS A 83 6.63 5.71 -1.73
N LEU A 84 7.22 6.87 -1.46
CA LEU A 84 7.26 7.42 -0.11
C LEU A 84 6.41 8.70 -0.12
N LEU A 85 6.49 9.44 -1.23
CA LEU A 85 5.72 10.67 -1.37
C LEU A 85 4.24 10.36 -1.40
N PRO A 86 3.45 11.07 -0.59
CA PRO A 86 2.00 10.80 -0.59
C PRO A 86 1.53 11.11 -2.01
N SER A 87 0.57 10.34 -2.53
CA SER A 87 0.09 10.57 -3.89
C SER A 87 -0.53 11.95 -4.11
N GLY A 88 -0.72 12.71 -3.03
CA GLY A 88 -1.29 14.03 -3.17
C GLY A 88 -0.21 15.08 -3.34
N ILE A 89 1.05 14.63 -3.38
CA ILE A 89 2.17 15.55 -3.53
C ILE A 89 2.07 16.32 -4.85
N ILE A 90 1.15 15.90 -5.71
CA ILE A 90 0.93 16.55 -7.00
C ILE A 90 0.15 17.83 -6.78
N ASN A 91 -0.85 17.75 -5.90
CA ASN A 91 -1.68 18.90 -5.58
C ASN A 91 -0.81 19.95 -4.90
N THR A 92 -0.55 21.05 -5.58
CA THR A 92 0.31 22.10 -5.01
C THR A 92 -0.42 22.92 -3.95
N LYS A 93 -1.72 22.72 -3.86
CA LYS A 93 -2.55 23.43 -2.89
C LYS A 93 -2.68 22.64 -1.58
N ALA A 94 -2.45 21.33 -1.65
CA ALA A 94 -2.56 20.48 -0.47
C ALA A 94 -1.22 20.16 0.16
N VAL A 95 -1.25 19.81 1.44
CA VAL A 95 -0.04 19.49 2.18
C VAL A 95 0.15 17.97 2.31
N SER A 96 1.33 17.49 1.94
CA SER A 96 1.62 16.06 2.03
C SER A 96 2.33 15.80 3.35
N PHE A 97 1.90 14.73 4.04
CA PHE A 97 2.47 14.41 5.34
C PHE A 97 2.89 12.94 5.45
N ILE A 98 4.08 12.70 5.99
CA ILE A 98 4.59 11.36 6.20
C ILE A 98 4.58 11.12 7.71
N GLY A 99 3.71 10.22 8.16
CA GLY A 99 3.59 9.92 9.59
C GLY A 99 4.64 9.06 10.26
N ASN A 100 4.59 9.03 11.59
CA ASN A 100 5.53 8.28 12.40
C ASN A 100 5.56 6.77 12.15
N GLY A 101 4.53 6.23 11.52
CA GLY A 101 4.49 4.81 11.26
C GLY A 101 5.35 4.43 10.06
N VAL A 102 5.63 5.41 9.22
CA VAL A 102 6.44 5.19 8.03
C VAL A 102 7.91 4.94 8.36
N VAL A 103 8.57 4.14 7.54
CA VAL A 103 9.98 3.85 7.69
C VAL A 103 10.59 4.50 6.45
N ILE A 104 11.55 5.41 6.66
CA ILE A 104 12.15 6.15 5.56
C ILE A 104 13.61 5.88 5.20
N HIS A 105 13.85 5.58 3.92
CA HIS A 105 15.21 5.39 3.44
C HIS A 105 15.52 6.73 2.76
N LEU A 106 16.31 7.56 3.42
CA LEU A 106 16.64 8.88 2.90
C LEU A 106 17.07 8.97 1.43
N PRO A 107 18.05 8.15 1.02
CA PRO A 107 18.48 8.20 -0.38
C PRO A 107 17.30 8.02 -1.34
N GLY A 108 16.56 6.92 -1.15
CA GLY A 108 15.41 6.63 -1.98
C GLY A 108 14.40 7.77 -2.00
N LEU A 109 14.25 8.43 -0.85
CA LEU A 109 13.30 9.54 -0.77
C LEU A 109 13.58 10.61 -1.81
N PHE A 110 14.83 11.06 -1.89
CA PHE A 110 15.16 12.11 -2.86
C PHE A 110 15.29 11.55 -4.27
N GLU A 111 15.75 10.32 -4.38
CA GLU A 111 15.87 9.68 -5.69
C GLU A 111 14.50 9.80 -6.35
N GLU A 112 13.46 9.59 -5.53
CA GLU A 112 12.07 9.64 -5.98
C GLU A 112 11.61 11.06 -6.30
N ALA A 113 11.85 11.99 -5.39
CA ALA A 113 11.45 13.38 -5.59
C ALA A 113 12.09 14.00 -6.83
N GLU A 114 13.37 13.68 -7.07
CA GLU A 114 14.07 14.21 -8.23
C GLU A 114 13.56 13.62 -9.53
N LYS A 115 13.16 12.35 -9.50
CA LYS A 115 12.63 11.70 -10.68
C LYS A 115 11.30 12.35 -11.08
N ASN A 116 10.53 12.77 -10.08
CA ASN A 116 9.24 13.41 -10.33
C ASN A 116 9.40 14.89 -10.64
N GLU A 117 10.56 15.44 -10.26
CA GLU A 117 10.86 16.83 -10.55
C GLU A 117 10.94 16.90 -12.07
N LYS A 118 11.71 15.97 -12.63
CA LYS A 118 11.91 15.89 -14.08
C LYS A 118 10.56 15.79 -14.79
N LYS A 119 9.57 15.24 -14.09
CA LYS A 119 8.24 15.11 -14.68
C LYS A 119 7.41 16.37 -14.46
N GLY A 120 8.02 17.37 -13.83
CA GLY A 120 7.33 18.62 -13.61
C GLY A 120 7.07 19.02 -12.16
N LEU A 121 7.32 18.11 -11.21
CA LEU A 121 7.10 18.42 -9.80
C LEU A 121 8.03 19.55 -9.35
N LYS A 122 7.45 20.65 -8.88
CA LYS A 122 8.23 21.80 -8.43
C LYS A 122 7.85 22.28 -7.04
N ASP A 123 8.83 22.74 -6.27
CA ASP A 123 8.61 23.25 -4.93
C ASP A 123 7.82 22.29 -4.03
N TRP A 124 8.11 20.99 -4.14
CA TRP A 124 7.42 20.01 -3.32
C TRP A 124 7.93 20.09 -1.89
N GLU A 125 9.23 20.34 -1.73
CA GLU A 125 9.82 20.44 -0.40
C GLU A 125 9.14 21.57 0.37
N LYS A 126 8.27 22.29 -0.32
CA LYS A 126 7.53 23.41 0.27
C LYS A 126 6.23 22.91 0.91
N ARG A 127 5.72 21.79 0.42
CA ARG A 127 4.48 21.23 0.95
C ARG A 127 4.58 19.78 1.42
N LEU A 128 5.79 19.37 1.81
CA LEU A 128 6.02 18.02 2.33
C LEU A 128 6.46 18.13 3.79
N ILE A 129 5.70 17.51 4.67
CA ILE A 129 6.03 17.54 6.08
C ILE A 129 6.37 16.12 6.50
N ILE A 130 7.41 15.98 7.32
CA ILE A 130 7.87 14.67 7.77
C ILE A 130 7.89 14.57 9.30
N SER A 131 7.10 13.62 9.82
CA SER A 131 7.01 13.39 11.25
C SER A 131 8.37 13.06 11.85
N ASP A 132 8.79 13.83 12.86
CA ASP A 132 10.09 13.61 13.48
C ASP A 132 10.21 12.30 14.25
N ARG A 133 9.14 11.51 14.27
CA ARG A 133 9.18 10.22 14.97
C ARG A 133 9.31 9.03 14.03
N ALA A 134 9.21 9.28 12.72
CA ALA A 134 9.33 8.22 11.73
C ALA A 134 10.73 7.58 11.78
N HIS A 135 10.78 6.24 11.76
CA HIS A 135 12.06 5.54 11.79
C HIS A 135 12.80 5.64 10.46
N LEU A 136 14.10 5.34 10.49
CA LEU A 136 14.95 5.40 9.30
C LEU A 136 15.42 4.05 8.78
N VAL A 137 15.29 3.85 7.47
CA VAL A 137 15.75 2.63 6.83
C VAL A 137 17.17 2.94 6.39
N PHE A 138 18.14 2.19 6.92
CA PHE A 138 19.54 2.42 6.56
C PHE A 138 20.01 1.51 5.42
N ASP A 139 21.05 1.96 4.72
CA ASP A 139 21.60 1.20 3.62
C ASP A 139 21.75 -0.28 3.91
N PHE A 140 22.30 -0.61 5.07
CA PHE A 140 22.49 -2.01 5.41
C PHE A 140 21.18 -2.76 5.67
N HIS A 141 20.10 -2.02 5.93
CA HIS A 141 18.80 -2.66 6.16
C HIS A 141 18.35 -3.30 4.86
N GLN A 142 18.39 -2.52 3.78
CA GLN A 142 18.01 -3.01 2.46
C GLN A 142 18.97 -4.12 2.06
N ALA A 143 20.19 -4.07 2.58
CA ALA A 143 21.21 -5.07 2.29
C ALA A 143 20.87 -6.37 3.00
N VAL A 144 20.56 -6.29 4.30
CA VAL A 144 20.20 -7.46 5.09
C VAL A 144 18.92 -8.06 4.54
N ASP A 145 18.04 -7.18 4.06
CA ASP A 145 16.78 -7.61 3.47
C ASP A 145 17.08 -8.58 2.33
N GLY A 146 17.97 -8.17 1.42
CA GLY A 146 18.34 -9.03 0.31
C GLY A 146 19.00 -10.32 0.77
N LEU A 147 19.93 -10.20 1.71
CA LEU A 147 20.64 -11.35 2.26
C LEU A 147 19.72 -12.35 2.92
N GLN A 148 18.71 -11.85 3.65
CA GLN A 148 17.75 -12.71 4.34
C GLN A 148 16.89 -13.47 3.34
N GLU A 149 16.69 -12.86 2.18
CA GLU A 149 15.87 -13.45 1.13
C GLU A 149 16.67 -14.57 0.42
N VAL A 150 17.95 -14.29 0.15
CA VAL A 150 18.80 -15.28 -0.50
C VAL A 150 19.06 -16.45 0.45
N GLN A 151 19.09 -16.16 1.75
CA GLN A 151 19.32 -17.17 2.76
C GLN A 151 18.11 -18.07 2.95
N ARG A 152 16.92 -17.49 2.91
CA ARG A 152 15.69 -18.27 3.08
C ARG A 152 15.44 -19.13 1.84
N GLN A 153 15.86 -18.63 0.69
CA GLN A 153 15.70 -19.33 -0.58
C GLN A 153 16.71 -20.46 -0.64
N ALA A 154 17.98 -20.13 -0.40
CA ALA A 154 19.05 -21.12 -0.43
C ALA A 154 19.06 -21.96 0.84
N GLN A 155 17.89 -22.14 1.45
CA GLN A 155 17.78 -22.93 2.67
C GLN A 155 16.42 -23.57 2.82
N GLU A 156 15.49 -23.18 1.95
CA GLU A 156 14.13 -23.72 1.99
C GLU A 156 13.51 -23.74 0.59
N GLY A 157 14.26 -23.27 -0.39
CA GLY A 157 13.77 -23.21 -1.75
C GLY A 157 12.61 -22.24 -1.89
N LYS A 158 12.34 -21.51 -0.80
CA LYS A 158 11.26 -20.54 -0.76
C LYS A 158 11.53 -19.39 0.22
N ASN A 159 11.42 -18.16 -0.28
CA ASN A 159 11.60 -16.97 0.55
C ASN A 159 10.29 -16.16 0.53
N ILE A 160 10.28 -15.03 1.23
CA ILE A 160 9.09 -14.18 1.32
C ILE A 160 8.64 -13.48 0.04
N GLY A 161 9.58 -13.04 -0.78
CA GLY A 161 9.22 -12.36 -2.01
C GLY A 161 9.30 -10.85 -1.79
N THR A 162 10.04 -10.47 -0.76
CA THR A 162 10.28 -9.07 -0.38
C THR A 162 10.67 -8.20 -1.57
N THR A 163 10.34 -6.90 -1.50
CA THR A 163 10.70 -5.97 -2.56
C THR A 163 12.17 -5.59 -2.40
N LYS A 164 12.78 -6.06 -1.32
CA LYS A 164 14.18 -5.80 -1.03
C LYS A 164 14.45 -4.32 -0.76
N LYS A 165 13.48 -3.64 -0.16
CA LYS A 165 13.63 -2.24 0.18
C LYS A 165 13.97 -2.06 1.66
N GLY A 166 14.34 -3.16 2.32
CA GLY A 166 14.72 -3.11 3.71
C GLY A 166 13.59 -2.86 4.72
N ILE A 167 12.35 -3.00 4.27
CA ILE A 167 11.21 -2.77 5.15
C ILE A 167 11.17 -3.69 6.39
N GLY A 168 11.31 -4.99 6.17
CA GLY A 168 11.29 -5.94 7.29
C GLY A 168 12.39 -5.67 8.31
N PRO A 169 13.65 -5.55 7.86
CA PRO A 169 14.75 -5.29 8.79
C PRO A 169 14.57 -4.01 9.62
N THR A 170 14.04 -2.95 9.00
CA THR A 170 13.85 -1.68 9.70
C THR A 170 12.74 -1.76 10.75
N TYR A 171 11.63 -2.42 10.42
CA TYR A 171 10.54 -2.55 11.38
C TYR A 171 10.96 -3.46 12.53
N SER A 172 11.83 -4.41 12.23
CA SER A 172 12.31 -5.34 13.24
C SER A 172 13.26 -4.57 14.19
N SER A 173 14.04 -3.64 13.64
CA SER A 173 14.95 -2.86 14.48
C SER A 173 14.11 -1.92 15.35
N LYS A 174 13.01 -1.43 14.78
CA LYS A 174 12.10 -0.55 15.49
C LYS A 174 11.50 -1.23 16.72
N ALA A 175 10.91 -2.40 16.54
CA ALA A 175 10.30 -3.11 17.66
C ALA A 175 11.36 -3.40 18.72
N ALA A 176 12.58 -3.63 18.28
CA ALA A 176 13.68 -3.94 19.18
C ALA A 176 14.21 -2.69 19.90
N ARG A 177 13.76 -1.52 19.44
CA ARG A 177 14.16 -0.21 19.97
C ARG A 177 15.61 0.15 19.66
N THR A 178 16.22 -0.57 18.72
CA THR A 178 17.59 -0.30 18.33
C THR A 178 17.61 0.65 17.15
N GLY A 179 16.49 0.75 16.44
CA GLY A 179 16.40 1.64 15.30
C GLY A 179 16.58 3.11 15.63
N LEU A 180 16.75 3.94 14.61
CA LEU A 180 16.93 5.37 14.80
C LEU A 180 15.85 6.14 14.07
N ARG A 181 15.57 7.35 14.54
CA ARG A 181 14.49 8.13 13.95
C ARG A 181 14.90 9.50 13.44
N ILE A 182 13.99 10.13 12.70
CA ILE A 182 14.23 11.46 12.15
C ILE A 182 14.84 12.40 13.18
N CYS A 183 14.17 12.56 14.32
CA CYS A 183 14.66 13.45 15.37
C CYS A 183 16.07 13.11 15.84
N ASP A 184 16.48 11.85 15.72
CA ASP A 184 17.82 11.44 16.12
C ASP A 184 18.85 11.95 15.13
N LEU A 185 18.48 11.91 13.86
CA LEU A 185 19.36 12.36 12.79
C LEU A 185 19.54 13.88 12.87
N LEU A 186 18.45 14.59 13.19
CA LEU A 186 18.48 16.05 13.28
C LEU A 186 19.09 16.59 14.57
N SER A 187 19.42 15.70 15.50
CA SER A 187 19.99 16.09 16.79
C SER A 187 21.51 15.99 16.77
N ASP A 188 22.11 15.80 17.95
CA ASP A 188 23.56 15.67 18.06
C ASP A 188 24.02 14.57 17.12
N PHE A 189 24.70 14.95 16.04
CA PHE A 189 25.17 13.98 15.06
C PHE A 189 26.16 12.98 15.64
N ASP A 190 27.05 13.45 16.52
CA ASP A 190 28.04 12.55 17.13
C ASP A 190 27.31 11.43 17.87
N GLU A 191 26.25 11.82 18.58
CA GLU A 191 25.44 10.87 19.34
C GLU A 191 24.86 9.84 18.37
N PHE A 192 24.19 10.35 17.33
CA PHE A 192 23.58 9.52 16.30
C PHE A 192 24.58 8.51 15.77
N SER A 193 25.74 9.03 15.32
CA SER A 193 26.80 8.20 14.77
C SER A 193 27.16 7.01 15.65
N ALA A 194 27.19 7.24 16.97
CA ALA A 194 27.53 6.17 17.90
C ALA A 194 26.50 5.04 17.86
N ARG A 195 25.23 5.41 17.67
CA ARG A 195 24.14 4.46 17.58
C ARG A 195 24.20 3.78 16.22
N PHE A 196 24.37 4.58 15.17
CA PHE A 196 24.46 4.07 13.82
C PHE A 196 25.44 2.90 13.77
N LYS A 197 26.61 3.11 14.34
CA LYS A 197 27.66 2.12 14.36
C LYS A 197 27.25 0.86 15.14
N ASN A 198 26.60 1.04 16.28
CA ASN A 198 26.17 -0.10 17.08
C ASN A 198 25.16 -0.95 16.34
N LEU A 199 24.27 -0.29 15.59
CA LEU A 199 23.23 -0.96 14.83
C LEU A 199 23.85 -1.67 13.64
N ALA A 200 24.83 -1.01 13.02
CA ALA A 200 25.52 -1.58 11.88
C ALA A 200 26.16 -2.89 12.30
N HIS A 201 26.88 -2.86 13.43
CA HIS A 201 27.54 -4.05 13.95
C HIS A 201 26.54 -5.14 14.26
N GLN A 202 25.49 -4.80 14.99
CA GLN A 202 24.46 -5.77 15.33
C GLN A 202 24.04 -6.58 14.11
N HIS A 203 23.95 -5.92 12.96
CA HIS A 203 23.54 -6.63 11.75
C HIS A 203 24.66 -7.51 11.19
N GLN A 204 25.87 -6.97 11.13
CA GLN A 204 27.00 -7.74 10.63
C GLN A 204 27.16 -9.00 11.48
N SER A 205 26.73 -8.93 12.74
CA SER A 205 26.82 -10.06 13.65
C SER A 205 26.01 -11.26 13.16
N MET A 206 24.76 -10.99 12.77
CA MET A 206 23.87 -12.03 12.26
C MET A 206 24.14 -12.32 10.78
N PHE A 207 24.88 -11.43 10.13
CA PHE A 207 25.24 -11.56 8.71
C PHE A 207 26.68 -11.10 8.49
N PRO A 208 27.64 -11.93 8.92
CA PRO A 208 29.08 -11.65 8.79
C PRO A 208 29.56 -11.32 7.38
N THR A 209 28.78 -11.73 6.38
CA THR A 209 29.12 -11.47 4.98
C THR A 209 28.55 -10.14 4.49
N LEU A 210 28.17 -9.29 5.44
CA LEU A 210 27.61 -7.98 5.12
C LEU A 210 28.70 -6.93 5.18
N GLU A 211 28.80 -6.13 4.11
CA GLU A 211 29.81 -5.08 4.03
C GLU A 211 29.14 -3.74 4.32
N ILE A 212 29.62 -3.02 5.32
CA ILE A 212 29.04 -1.72 5.66
C ILE A 212 30.10 -0.63 5.79
N ASP A 213 30.04 0.35 4.88
CA ASP A 213 30.96 1.47 4.90
C ASP A 213 30.44 2.48 5.92
N VAL A 214 30.71 2.18 7.19
CA VAL A 214 30.27 3.01 8.31
C VAL A 214 30.45 4.50 8.08
N GLU A 215 31.70 4.94 7.86
CA GLU A 215 31.98 6.35 7.65
C GLU A 215 31.38 6.92 6.37
N GLY A 216 31.28 6.09 5.35
CA GLY A 216 30.73 6.54 4.08
C GLY A 216 29.24 6.82 4.15
N GLN A 217 28.47 5.84 4.63
CA GLN A 217 27.03 6.00 4.74
C GLN A 217 26.67 7.16 5.65
N LEU A 218 27.50 7.38 6.68
CA LEU A 218 27.27 8.47 7.62
C LEU A 218 27.46 9.84 7.01
N LYS A 219 28.29 9.91 5.97
CA LYS A 219 28.52 11.18 5.30
C LYS A 219 27.26 11.62 4.59
N ARG A 220 26.59 10.68 3.94
CA ARG A 220 25.35 10.97 3.24
C ARG A 220 24.25 11.34 4.23
N LEU A 221 24.14 10.56 5.30
CA LEU A 221 23.12 10.81 6.32
C LEU A 221 23.24 12.20 6.93
N LYS A 222 24.46 12.72 7.02
CA LYS A 222 24.67 14.06 7.56
C LYS A 222 24.19 15.09 6.55
N GLY A 223 24.36 14.75 5.27
CA GLY A 223 23.92 15.64 4.21
C GLY A 223 22.42 15.69 4.15
N PHE A 224 21.79 14.52 4.24
CA PHE A 224 20.32 14.43 4.20
C PHE A 224 19.71 15.16 5.38
N ALA A 225 20.38 15.09 6.52
CA ALA A 225 19.91 15.74 7.73
C ALA A 225 19.54 17.19 7.43
N GLU A 226 20.47 17.94 6.85
CA GLU A 226 20.21 19.35 6.54
C GLU A 226 19.23 19.51 5.38
N ARG A 227 19.11 18.48 4.55
CA ARG A 227 18.17 18.54 3.43
C ARG A 227 16.74 18.30 3.91
N ILE A 228 16.59 17.47 4.93
CA ILE A 228 15.28 17.14 5.49
C ILE A 228 14.82 18.13 6.56
N ARG A 229 15.77 18.62 7.34
CA ARG A 229 15.49 19.55 8.43
C ARG A 229 14.28 20.47 8.25
N PRO A 230 14.31 21.38 7.26
CA PRO A 230 13.17 22.29 7.06
C PRO A 230 11.78 21.69 6.95
N MET A 231 11.68 20.44 6.49
CA MET A 231 10.38 19.79 6.33
C MET A 231 9.89 19.08 7.59
N VAL A 232 10.83 18.68 8.44
CA VAL A 232 10.49 17.98 9.67
C VAL A 232 9.67 18.80 10.65
N ARG A 233 8.75 18.13 11.32
CA ARG A 233 7.87 18.76 12.29
C ARG A 233 7.45 17.70 13.31
N ASP A 234 6.76 18.14 14.35
CA ASP A 234 6.28 17.20 15.34
C ASP A 234 4.95 16.71 14.77
N GLY A 235 4.90 15.42 14.42
CA GLY A 235 3.69 14.85 13.85
C GLY A 235 2.46 14.84 14.72
N VAL A 236 2.62 14.49 15.98
CA VAL A 236 1.50 14.45 16.90
C VAL A 236 0.84 15.82 16.98
N TYR A 237 1.63 16.83 17.30
CA TYR A 237 1.16 18.20 17.40
C TYR A 237 0.57 18.63 16.05
N PHE A 238 1.27 18.30 14.97
CA PHE A 238 0.82 18.64 13.63
C PHE A 238 -0.58 18.11 13.31
N MET A 239 -0.76 16.79 13.35
CA MET A 239 -2.07 16.20 13.06
C MET A 239 -3.11 16.72 14.03
N TYR A 240 -2.78 16.71 15.31
CA TYR A 240 -3.72 17.18 16.32
C TYR A 240 -4.20 18.61 16.04
N GLU A 241 -3.27 19.51 15.74
CA GLU A 241 -3.60 20.90 15.43
C GLU A 241 -4.52 21.01 14.23
N ALA A 242 -4.27 20.18 13.22
CA ALA A 242 -5.06 20.18 12.01
C ALA A 242 -6.48 19.65 12.23
N LEU A 243 -6.60 18.63 13.07
CA LEU A 243 -7.91 18.02 13.35
C LEU A 243 -8.78 18.83 14.29
N HIS A 244 -8.18 19.80 14.98
CA HIS A 244 -8.94 20.61 15.93
C HIS A 244 -9.02 22.09 15.60
N GLY A 245 -8.25 22.53 14.61
CA GLY A 245 -8.29 23.92 14.22
C GLY A 245 -9.48 24.10 13.29
N PRO A 246 -9.48 25.13 12.43
CA PRO A 246 -10.63 25.28 11.54
C PRO A 246 -10.76 24.01 10.70
N PRO A 247 -11.97 23.45 10.61
CA PRO A 247 -12.18 22.22 9.84
C PRO A 247 -11.35 22.09 8.57
N LYS A 248 -10.72 20.93 8.43
CA LYS A 248 -9.89 20.62 7.27
C LYS A 248 -10.26 19.26 6.73
N LYS A 249 -9.91 19.01 5.47
CA LYS A 249 -10.19 17.72 4.85
C LYS A 249 -8.84 17.00 4.81
N VAL A 250 -8.72 15.96 5.64
CA VAL A 250 -7.49 15.20 5.72
C VAL A 250 -7.71 13.84 5.09
N LEU A 251 -6.80 13.45 4.21
CA LEU A 251 -6.90 12.17 3.52
C LEU A 251 -5.72 11.28 3.91
N VAL A 252 -5.99 10.00 4.16
CA VAL A 252 -4.93 9.07 4.55
C VAL A 252 -4.76 7.95 3.52
N GLU A 253 -3.58 7.91 2.94
CA GLU A 253 -3.21 6.94 1.91
C GLU A 253 -2.61 5.69 2.51
N GLY A 254 -3.34 4.59 2.43
CA GLY A 254 -2.83 3.34 2.96
C GLY A 254 -1.79 2.80 2.00
N ALA A 255 -1.01 1.84 2.49
CA ALA A 255 0.01 1.21 1.66
C ALA A 255 -0.21 -0.27 1.82
N ASN A 256 0.27 -1.05 0.84
CA ASN A 256 0.09 -2.49 0.90
C ASN A 256 -1.40 -2.77 0.98
N ALA A 257 -1.82 -3.70 1.84
CA ALA A 257 -3.24 -4.02 1.95
C ALA A 257 -3.58 -4.98 3.09
N ALA A 258 -4.87 -5.22 3.28
CA ALA A 258 -5.35 -6.10 4.35
C ALA A 258 -4.64 -7.44 4.43
N LEU A 259 -4.66 -8.22 3.35
CA LEU A 259 -4.02 -9.52 3.40
C LEU A 259 -2.49 -9.50 3.43
N LEU A 260 -1.90 -8.31 3.49
CA LEU A 260 -0.45 -8.16 3.58
C LEU A 260 -0.11 -7.60 4.96
N ASP A 261 -1.13 -7.42 5.78
CA ASP A 261 -0.98 -6.88 7.13
C ASP A 261 -0.17 -7.80 8.05
N ILE A 262 0.79 -7.22 8.78
CA ILE A 262 1.66 -8.01 9.65
C ILE A 262 0.89 -8.90 10.62
N ASP A 263 -0.26 -8.43 11.09
CA ASP A 263 -1.07 -9.23 12.01
C ASP A 263 -2.12 -10.10 11.31
N PHE A 264 -2.87 -9.50 10.40
CA PHE A 264 -3.98 -10.16 9.74
C PHE A 264 -3.77 -10.79 8.38
N GLY A 265 -2.67 -10.45 7.71
CA GLY A 265 -2.41 -11.00 6.40
C GLY A 265 -2.01 -12.47 6.39
N THR A 266 -1.62 -12.98 5.22
CA THR A 266 -1.20 -14.37 5.11
C THR A 266 0.19 -14.53 5.70
N TYR A 267 0.29 -14.31 7.01
CA TYR A 267 1.56 -14.44 7.72
C TYR A 267 2.16 -15.82 7.44
N PRO A 268 3.50 -15.90 7.26
CA PRO A 268 4.50 -14.83 7.27
C PRO A 268 4.74 -14.19 5.92
N PHE A 269 3.91 -14.53 4.94
CA PHE A 269 4.05 -13.95 3.61
C PHE A 269 3.23 -12.67 3.58
N VAL A 270 3.70 -11.69 4.32
CA VAL A 270 3.06 -10.38 4.47
C VAL A 270 4.15 -9.31 4.50
N THR A 271 3.75 -8.06 4.67
CA THR A 271 4.72 -6.97 4.79
C THR A 271 4.82 -6.76 6.30
N SER A 272 5.81 -6.00 6.77
CA SER A 272 6.00 -5.82 8.20
C SER A 272 5.36 -4.64 8.94
N SER A 273 4.20 -4.19 8.46
CA SER A 273 3.49 -3.09 9.09
C SER A 273 2.00 -3.40 9.06
N ASN A 274 1.21 -2.63 9.81
CA ASN A 274 -0.22 -2.82 9.83
C ASN A 274 -0.87 -1.97 8.73
N CYS A 275 -1.27 -2.63 7.65
CA CYS A 275 -1.87 -1.98 6.48
C CYS A 275 -3.36 -1.75 6.69
N THR A 276 -3.90 -2.43 7.69
CA THR A 276 -5.32 -2.32 8.03
C THR A 276 -5.62 -0.97 8.69
N VAL A 277 -6.89 -0.69 8.91
CA VAL A 277 -7.31 0.58 9.47
C VAL A 277 -6.65 0.99 10.79
N GLY A 278 -6.29 0.02 11.63
CA GLY A 278 -5.65 0.38 12.89
C GLY A 278 -4.33 1.09 12.66
N GLY A 279 -3.67 0.72 11.56
CA GLY A 279 -2.39 1.31 11.19
C GLY A 279 -2.49 2.81 11.02
N VAL A 280 -3.68 3.31 10.71
CA VAL A 280 -3.87 4.75 10.56
C VAL A 280 -3.69 5.44 11.91
N CYS A 281 -4.29 4.87 12.95
CA CYS A 281 -4.19 5.41 14.31
C CYS A 281 -2.77 5.34 14.88
N THR A 282 -2.16 4.16 14.82
CA THR A 282 -0.81 3.99 15.35
C THR A 282 0.26 4.68 14.52
N GLY A 283 -0.05 4.91 13.24
CA GLY A 283 0.89 5.54 12.33
C GLY A 283 0.83 7.07 12.21
N LEU A 284 -0.24 7.68 12.72
CA LEU A 284 -0.38 9.13 12.65
C LEU A 284 -0.68 9.73 14.02
N GLY A 285 -0.93 8.87 15.00
CA GLY A 285 -1.21 9.33 16.34
C GLY A 285 -2.57 10.00 16.50
N ILE A 286 -3.58 9.49 15.81
CA ILE A 286 -4.92 10.07 15.94
C ILE A 286 -5.86 9.01 16.47
N PRO A 287 -6.77 9.39 17.38
CA PRO A 287 -7.73 8.48 17.98
C PRO A 287 -8.84 8.09 17.03
N PRO A 288 -9.38 6.87 17.19
CA PRO A 288 -10.46 6.33 16.34
C PRO A 288 -11.65 7.25 16.03
N GLN A 289 -11.96 8.19 16.91
CA GLN A 289 -13.10 9.08 16.64
C GLN A 289 -12.79 10.12 15.56
N ASN A 290 -11.52 10.30 15.22
CA ASN A 290 -11.14 11.23 14.17
C ASN A 290 -10.98 10.49 12.83
N ILE A 291 -11.54 9.29 12.76
CA ILE A 291 -11.51 8.46 11.56
C ILE A 291 -12.91 8.47 10.96
N GLY A 292 -13.06 9.11 9.80
CA GLY A 292 -14.34 9.17 9.15
C GLY A 292 -14.56 8.02 8.19
N ASP A 293 -14.67 8.34 6.90
CA ASP A 293 -14.88 7.32 5.88
C ASP A 293 -13.62 6.49 5.66
N VAL A 294 -13.82 5.18 5.54
CA VAL A 294 -12.74 4.24 5.31
C VAL A 294 -13.10 3.48 4.03
N TYR A 295 -12.48 3.89 2.92
CA TYR A 295 -12.76 3.26 1.64
C TYR A 295 -11.83 2.09 1.33
N GLY A 296 -12.40 0.99 0.87
CA GLY A 296 -11.58 -0.16 0.51
C GLY A 296 -11.44 -0.26 -1.00
N VAL A 297 -10.21 -0.25 -1.49
CA VAL A 297 -9.96 -0.36 -2.91
C VAL A 297 -10.00 -1.83 -3.29
N VAL A 298 -10.96 -2.21 -4.13
CA VAL A 298 -11.14 -3.59 -4.54
C VAL A 298 -10.92 -3.81 -6.04
N LYS A 299 -9.87 -4.55 -6.41
CA LYS A 299 -9.64 -4.79 -7.83
C LYS A 299 -10.66 -5.83 -8.31
N ALA A 300 -11.17 -5.64 -9.53
CA ALA A 300 -12.17 -6.55 -10.13
C ALA A 300 -11.69 -8.00 -10.23
N TYR A 301 -10.39 -8.21 -10.13
CA TYR A 301 -9.82 -9.56 -10.12
C TYR A 301 -8.72 -9.45 -9.07
N THR A 302 -8.13 -10.59 -8.70
CA THR A 302 -7.11 -10.56 -7.67
C THR A 302 -5.68 -10.73 -8.17
N THR A 303 -4.77 -9.93 -7.61
CA THR A 303 -3.36 -10.03 -7.95
C THR A 303 -2.54 -10.12 -6.70
N ARG A 304 -1.42 -10.83 -6.80
CA ARG A 304 -0.52 -10.98 -5.69
C ARG A 304 0.91 -11.00 -6.23
N VAL A 305 1.76 -10.11 -5.76
CA VAL A 305 3.14 -10.10 -6.20
C VAL A 305 3.99 -10.52 -5.02
N GLY A 306 4.64 -11.67 -5.16
CA GLY A 306 5.47 -12.20 -4.10
C GLY A 306 5.04 -13.63 -3.82
N ILE A 307 5.62 -14.24 -2.80
CA ILE A 307 5.31 -15.63 -2.44
C ILE A 307 4.12 -15.75 -1.49
N GLY A 308 3.48 -16.91 -1.49
CA GLY A 308 2.35 -17.11 -0.60
C GLY A 308 1.11 -17.72 -1.22
N ALA A 309 0.22 -18.22 -0.37
CA ALA A 309 -1.04 -18.83 -0.79
C ALA A 309 -1.86 -17.84 -1.58
N PHE A 310 -2.61 -18.34 -2.56
CA PHE A 310 -3.43 -17.51 -3.44
C PHE A 310 -4.46 -18.47 -4.05
N PRO A 311 -5.58 -18.72 -3.33
CA PRO A 311 -6.68 -19.60 -3.72
C PRO A 311 -7.23 -19.50 -5.15
N THR A 312 -7.55 -18.29 -5.61
CA THR A 312 -8.09 -18.12 -6.96
C THR A 312 -7.05 -17.90 -8.06
N GLU A 313 -5.77 -18.05 -7.73
CA GLU A 313 -4.72 -17.86 -8.72
C GLU A 313 -5.00 -18.64 -10.01
N GLN A 314 -4.72 -18.00 -11.14
CA GLN A 314 -4.92 -18.62 -12.44
C GLN A 314 -3.61 -18.76 -13.22
N ILE A 315 -3.01 -19.94 -13.16
CA ILE A 315 -1.75 -20.19 -13.89
C ILE A 315 -2.16 -20.76 -15.25
N ASN A 316 -2.61 -19.88 -16.15
CA ASN A 316 -3.08 -20.33 -17.44
C ASN A 316 -3.38 -19.19 -18.40
N GLU A 317 -4.08 -19.53 -19.47
CA GLU A 317 -4.45 -18.57 -20.48
C GLU A 317 -5.18 -17.39 -19.85
N ILE A 318 -6.20 -17.68 -19.04
CA ILE A 318 -6.97 -16.63 -18.37
C ILE A 318 -6.08 -15.81 -17.42
N GLY A 319 -5.11 -16.47 -16.81
CA GLY A 319 -4.19 -15.79 -15.93
C GLY A 319 -3.32 -14.84 -16.75
N ASP A 320 -2.93 -15.29 -17.95
CA ASP A 320 -2.11 -14.48 -18.83
C ASP A 320 -2.87 -13.26 -19.38
N LEU A 321 -4.15 -13.46 -19.68
CA LEU A 321 -4.99 -12.39 -20.21
C LEU A 321 -5.22 -11.26 -19.19
N LEU A 322 -5.30 -11.60 -17.90
CA LEU A 322 -5.49 -10.61 -16.86
C LEU A 322 -4.18 -9.86 -16.64
N GLN A 323 -3.09 -10.62 -16.52
CA GLN A 323 -1.76 -10.05 -16.31
C GLN A 323 -1.43 -9.10 -17.44
N ASN A 324 -1.78 -9.50 -18.66
CA ASN A 324 -1.51 -8.70 -19.85
C ASN A 324 -2.44 -7.51 -20.02
N ARG A 325 -3.75 -7.74 -20.05
CA ARG A 325 -4.67 -6.63 -20.23
C ARG A 325 -4.60 -5.67 -19.04
N GLY A 326 -4.13 -6.18 -17.91
CA GLY A 326 -4.02 -5.33 -16.74
C GLY A 326 -2.66 -4.75 -16.47
N HIS A 327 -1.70 -4.99 -17.38
CA HIS A 327 -0.34 -4.50 -17.22
C HIS A 327 0.13 -4.75 -15.78
N GLU A 328 -0.08 -5.98 -15.31
CA GLU A 328 0.24 -6.34 -13.94
C GLU A 328 1.69 -6.67 -13.64
N TRP A 329 2.51 -5.65 -13.48
CA TRP A 329 3.90 -5.84 -13.14
C TRP A 329 4.31 -4.78 -12.10
N GLY A 330 5.19 -5.17 -11.19
CA GLY A 330 5.63 -4.29 -10.12
C GLY A 330 5.92 -2.85 -10.50
N VAL A 331 5.35 -1.91 -9.76
CA VAL A 331 5.57 -0.51 -10.02
C VAL A 331 6.81 -0.09 -9.22
N THR A 332 7.33 -1.03 -8.45
CA THR A 332 8.53 -0.82 -7.63
C THR A 332 9.67 -1.75 -8.09
N THR A 333 9.36 -3.04 -8.24
CA THR A 333 10.38 -4.02 -8.64
C THR A 333 10.37 -4.38 -10.13
N GLY A 334 9.20 -4.39 -10.74
CA GLY A 334 9.10 -4.74 -12.15
C GLY A 334 8.70 -6.20 -12.32
N ARG A 335 8.53 -6.91 -11.22
CA ARG A 335 8.14 -8.32 -11.22
C ARG A 335 6.76 -8.52 -11.81
N LYS A 336 6.55 -9.67 -12.42
CA LYS A 336 5.24 -9.99 -12.97
C LYS A 336 4.37 -10.45 -11.81
N ARG A 337 3.17 -9.90 -11.71
CA ARG A 337 2.28 -10.29 -10.62
C ARG A 337 1.47 -11.50 -11.04
N ARG A 338 1.09 -12.29 -10.05
CA ARG A 338 0.26 -13.46 -10.26
C ARG A 338 -1.17 -12.92 -10.33
N CYS A 339 -2.01 -13.52 -11.16
CA CYS A 339 -3.38 -13.06 -11.30
C CYS A 339 -4.41 -14.16 -11.06
N GLY A 340 -5.59 -13.77 -10.60
CA GLY A 340 -6.64 -14.72 -10.32
C GLY A 340 -8.00 -14.05 -10.30
N TRP A 341 -9.05 -14.87 -10.21
CA TRP A 341 -10.39 -14.34 -10.18
C TRP A 341 -10.60 -13.59 -8.87
N LEU A 342 -11.64 -12.77 -8.85
CA LEU A 342 -11.98 -12.03 -7.65
C LEU A 342 -12.17 -13.09 -6.56
N ASP A 343 -11.80 -12.76 -5.34
CA ASP A 343 -11.92 -13.69 -4.22
C ASP A 343 -12.64 -12.99 -3.08
N LEU A 344 -13.87 -13.41 -2.81
CA LEU A 344 -14.69 -12.82 -1.76
C LEU A 344 -14.32 -13.25 -0.34
N MET A 345 -13.65 -14.37 -0.18
CA MET A 345 -13.25 -14.79 1.17
C MET A 345 -12.30 -13.77 1.78
N ILE A 346 -11.29 -13.35 1.01
CA ILE A 346 -10.36 -12.36 1.53
C ILE A 346 -11.04 -11.00 1.67
N LEU A 347 -11.88 -10.64 0.71
CA LEU A 347 -12.55 -9.35 0.77
C LEU A 347 -13.42 -9.22 2.01
N ARG A 348 -14.26 -10.22 2.28
CA ARG A 348 -15.12 -10.15 3.46
C ARG A 348 -14.28 -10.16 4.73
N TYR A 349 -13.16 -10.86 4.69
CA TYR A 349 -12.25 -10.92 5.83
C TYR A 349 -11.67 -9.54 6.08
N ALA A 350 -11.26 -8.90 4.99
CA ALA A 350 -10.67 -7.57 5.05
C ALA A 350 -11.69 -6.59 5.64
N HIS A 351 -12.96 -6.80 5.30
CA HIS A 351 -14.02 -5.92 5.80
C HIS A 351 -14.25 -6.05 7.32
N MET A 352 -14.10 -7.25 7.84
CA MET A 352 -14.25 -7.49 9.27
C MET A 352 -13.17 -6.74 10.04
N VAL A 353 -11.98 -6.61 9.47
CA VAL A 353 -10.89 -5.92 10.14
C VAL A 353 -10.88 -4.41 9.94
N ASN A 354 -11.18 -3.95 8.72
CA ASN A 354 -11.15 -2.53 8.43
C ASN A 354 -12.48 -1.79 8.60
N GLY A 355 -13.59 -2.50 8.53
CA GLY A 355 -14.87 -1.84 8.67
C GLY A 355 -15.08 -0.80 7.60
N PHE A 356 -14.94 -1.21 6.33
CA PHE A 356 -15.10 -0.33 5.18
C PHE A 356 -16.48 0.31 5.14
N THR A 357 -16.55 1.57 4.74
CA THR A 357 -17.83 2.28 4.65
C THR A 357 -18.35 2.35 3.20
N ALA A 358 -17.47 2.09 2.25
CA ALA A 358 -17.80 2.10 0.82
C ALA A 358 -16.61 1.53 0.06
N LEU A 359 -16.84 0.97 -1.13
CA LEU A 359 -15.75 0.40 -1.91
C LEU A 359 -15.43 1.17 -3.19
N ALA A 360 -14.24 0.91 -3.71
CA ALA A 360 -13.80 1.50 -4.97
C ALA A 360 -13.40 0.26 -5.78
N LEU A 361 -14.27 -0.15 -6.70
CA LEU A 361 -14.02 -1.32 -7.54
C LEU A 361 -13.25 -0.92 -8.79
N THR A 362 -11.97 -1.25 -8.82
CA THR A 362 -11.06 -0.89 -9.93
C THR A 362 -10.77 -1.96 -10.97
N LYS A 363 -10.33 -1.47 -12.14
CA LYS A 363 -9.94 -2.28 -13.29
C LYS A 363 -11.08 -3.17 -13.77
N LEU A 364 -12.27 -2.60 -13.80
CA LEU A 364 -13.43 -3.33 -14.26
C LEU A 364 -13.24 -3.55 -15.76
N ASP A 365 -12.71 -2.53 -16.44
CA ASP A 365 -12.50 -2.60 -17.88
C ASP A 365 -11.70 -3.81 -18.32
N ILE A 366 -10.73 -4.24 -17.49
CA ILE A 366 -9.91 -5.40 -17.83
C ILE A 366 -10.80 -6.59 -18.17
N LEU A 367 -11.97 -6.65 -17.55
CA LEU A 367 -12.92 -7.74 -17.78
C LEU A 367 -13.83 -7.56 -18.99
N ASP A 368 -13.74 -6.41 -19.66
CA ASP A 368 -14.57 -6.14 -20.82
C ASP A 368 -14.63 -7.24 -21.86
N VAL A 369 -13.50 -7.93 -22.08
CA VAL A 369 -13.48 -8.98 -23.11
C VAL A 369 -14.04 -10.35 -22.75
N LEU A 370 -13.93 -10.74 -21.50
CA LEU A 370 -14.39 -12.05 -21.05
C LEU A 370 -15.86 -12.38 -21.32
N SER A 371 -16.13 -13.64 -21.68
CA SER A 371 -17.50 -14.08 -21.95
C SER A 371 -18.09 -14.57 -20.65
N GLU A 372 -17.20 -14.92 -19.73
CA GLU A 372 -17.59 -15.37 -18.40
C GLU A 372 -16.54 -14.92 -17.38
N ILE A 373 -17.03 -14.58 -16.20
CA ILE A 373 -16.17 -14.13 -15.12
C ILE A 373 -16.48 -14.93 -13.87
N LYS A 374 -15.49 -15.68 -13.39
CA LYS A 374 -15.66 -16.48 -12.20
C LYS A 374 -15.24 -15.69 -10.96
N VAL A 375 -15.88 -15.99 -9.85
CA VAL A 375 -15.58 -15.32 -8.59
C VAL A 375 -15.62 -16.36 -7.46
N GLY A 376 -14.60 -16.34 -6.60
CA GLY A 376 -14.54 -17.26 -5.48
C GLY A 376 -15.47 -16.80 -4.38
N ILE A 377 -16.41 -17.66 -3.98
CA ILE A 377 -17.35 -17.31 -2.94
C ILE A 377 -17.06 -17.95 -1.59
N SER A 378 -16.38 -19.10 -1.58
CA SER A 378 -16.01 -19.74 -0.32
C SER A 378 -14.92 -20.77 -0.53
N TYR A 379 -14.34 -21.25 0.58
CA TYR A 379 -13.26 -22.24 0.54
C TYR A 379 -13.72 -23.56 1.16
N LYS A 380 -13.45 -24.66 0.45
CA LYS A 380 -13.82 -25.97 0.96
C LYS A 380 -12.54 -26.73 1.28
N LEU A 381 -12.61 -27.61 2.28
CA LEU A 381 -11.47 -28.42 2.69
C LEU A 381 -11.99 -29.82 2.94
N ASN A 382 -11.37 -30.80 2.30
CA ASN A 382 -11.79 -32.19 2.47
C ASN A 382 -13.27 -32.34 2.16
N GLY A 383 -13.77 -31.51 1.26
CA GLY A 383 -15.18 -31.58 0.89
C GLY A 383 -16.06 -30.60 1.65
N LYS A 384 -15.72 -30.35 2.91
CA LYS A 384 -16.49 -29.45 3.75
C LYS A 384 -16.01 -28.00 3.62
N ARG A 385 -16.96 -27.07 3.69
CA ARG A 385 -16.69 -25.65 3.59
C ARG A 385 -16.14 -25.10 4.90
N ILE A 386 -15.07 -24.31 4.83
CA ILE A 386 -14.47 -23.74 6.03
C ILE A 386 -15.27 -22.50 6.47
N PRO A 387 -15.46 -22.36 7.80
CA PRO A 387 -16.20 -21.29 8.47
C PRO A 387 -15.65 -19.87 8.37
N TYR A 388 -14.34 -19.73 8.30
CA TYR A 388 -13.75 -18.40 8.22
C TYR A 388 -12.35 -18.41 7.60
N PHE A 389 -11.86 -17.24 7.22
CA PHE A 389 -10.55 -17.14 6.61
C PHE A 389 -9.52 -17.69 7.62
N PRO A 390 -8.67 -18.65 7.18
CA PRO A 390 -7.65 -19.30 8.01
C PRO A 390 -6.44 -18.48 8.45
N ALA A 391 -6.13 -18.56 9.73
CA ALA A 391 -4.99 -17.86 10.29
C ALA A 391 -3.73 -18.58 9.82
N ASN A 392 -3.86 -19.88 9.61
CA ASN A 392 -2.73 -20.67 9.15
C ASN A 392 -2.70 -20.63 7.63
N GLN A 393 -1.65 -20.01 7.11
CA GLN A 393 -1.46 -19.86 5.69
C GLN A 393 -1.31 -21.19 4.95
N GLU A 394 -0.66 -22.16 5.57
CA GLU A 394 -0.47 -23.46 4.93
C GLU A 394 -1.81 -24.12 4.62
N ILE A 395 -2.79 -23.93 5.49
CA ILE A 395 -4.11 -24.49 5.26
C ILE A 395 -4.60 -23.87 3.96
N LEU A 396 -4.58 -22.55 3.93
CA LEU A 396 -5.02 -21.78 2.76
C LEU A 396 -4.45 -22.32 1.45
N GLN A 397 -3.27 -22.91 1.51
CA GLN A 397 -2.63 -23.47 0.32
C GLN A 397 -3.28 -24.78 -0.14
N LYS A 398 -4.19 -25.31 0.67
CA LYS A 398 -4.84 -26.58 0.33
C LYS A 398 -6.35 -26.49 0.14
N VAL A 399 -6.92 -25.31 0.36
CA VAL A 399 -8.36 -25.17 0.22
C VAL A 399 -8.77 -25.26 -1.24
N GLU A 400 -10.00 -25.71 -1.47
CA GLU A 400 -10.53 -25.82 -2.82
C GLU A 400 -11.50 -24.66 -2.92
N VAL A 401 -11.27 -23.77 -3.87
CA VAL A 401 -12.13 -22.61 -4.03
C VAL A 401 -13.45 -22.96 -4.68
N GLU A 402 -14.55 -22.45 -4.11
CA GLU A 402 -15.86 -22.67 -4.66
C GLU A 402 -16.18 -21.45 -5.50
N TYR A 403 -16.42 -21.65 -6.80
CA TYR A 403 -16.68 -20.53 -7.69
C TYR A 403 -18.13 -20.33 -8.11
N GLU A 404 -18.40 -19.11 -8.55
CA GLU A 404 -19.69 -18.69 -9.05
C GLU A 404 -19.30 -18.13 -10.40
N THR A 405 -20.08 -18.42 -11.44
CA THR A 405 -19.76 -17.91 -12.76
C THR A 405 -20.78 -16.87 -13.17
N LEU A 406 -20.30 -15.71 -13.61
CA LEU A 406 -21.19 -14.64 -14.03
C LEU A 406 -20.97 -14.38 -15.52
N PRO A 407 -21.98 -13.82 -16.20
CA PRO A 407 -21.87 -13.53 -17.63
C PRO A 407 -21.07 -12.25 -17.88
N GLY A 408 -20.20 -12.29 -18.88
CA GLY A 408 -19.42 -11.11 -19.21
C GLY A 408 -20.30 -10.12 -19.94
N TRP A 409 -19.86 -8.88 -20.04
CA TRP A 409 -20.68 -7.89 -20.74
C TRP A 409 -20.17 -7.69 -22.16
N LYS A 410 -18.95 -8.18 -22.41
CA LYS A 410 -18.32 -8.10 -23.72
C LYS A 410 -18.54 -6.77 -24.42
N ALA A 411 -18.09 -5.70 -23.76
CA ALA A 411 -18.23 -4.35 -24.30
C ALA A 411 -17.16 -3.45 -23.68
N ASP A 412 -16.82 -2.38 -24.38
CA ASP A 412 -15.80 -1.44 -23.93
C ASP A 412 -16.37 -0.45 -22.90
N THR A 413 -15.95 -0.59 -21.65
CA THR A 413 -16.43 0.29 -20.57
C THR A 413 -15.45 1.43 -20.25
N THR A 414 -14.30 1.44 -20.91
CA THR A 414 -13.29 2.46 -20.67
C THR A 414 -13.77 3.90 -20.87
N GLY A 415 -14.92 4.04 -21.54
CA GLY A 415 -15.45 5.37 -21.77
C GLY A 415 -16.61 5.71 -20.83
N ALA A 416 -16.96 4.76 -19.96
CA ALA A 416 -18.04 4.96 -19.00
C ALA A 416 -17.75 6.09 -18.03
N ARG A 417 -18.78 6.84 -17.65
CA ARG A 417 -18.62 7.95 -16.72
C ARG A 417 -19.76 8.05 -15.70
N LYS A 418 -20.80 7.25 -15.91
CA LYS A 418 -21.93 7.25 -14.99
C LYS A 418 -22.58 5.87 -14.98
N TRP A 419 -23.24 5.55 -13.88
CA TRP A 419 -23.89 4.25 -13.73
C TRP A 419 -24.60 3.76 -14.98
N GLU A 420 -25.31 4.67 -15.65
CA GLU A 420 -26.06 4.34 -16.84
C GLU A 420 -25.25 3.81 -18.02
N ASP A 421 -24.04 4.32 -18.16
CA ASP A 421 -23.16 3.89 -19.23
C ASP A 421 -22.86 2.40 -19.19
N LEU A 422 -22.47 1.89 -18.02
CA LEU A 422 -22.13 0.47 -17.89
C LEU A 422 -23.22 -0.46 -18.39
N PRO A 423 -22.84 -1.44 -19.25
CA PRO A 423 -23.86 -2.37 -19.75
C PRO A 423 -24.44 -3.22 -18.63
N PRO A 424 -25.47 -4.01 -18.93
CA PRO A 424 -26.13 -4.87 -17.94
C PRO A 424 -25.25 -5.81 -17.10
N GLN A 425 -24.44 -6.63 -17.76
CA GLN A 425 -23.57 -7.56 -17.03
C GLN A 425 -22.58 -6.84 -16.13
N ALA A 426 -22.05 -5.71 -16.59
CA ALA A 426 -21.10 -4.96 -15.80
C ALA A 426 -21.79 -4.52 -14.51
N GLN A 427 -23.00 -3.99 -14.63
CA GLN A 427 -23.76 -3.54 -13.46
C GLN A 427 -24.07 -4.70 -12.52
N SER A 428 -24.38 -5.87 -13.06
CA SER A 428 -24.65 -7.03 -12.24
C SER A 428 -23.41 -7.41 -11.45
N TYR A 429 -22.25 -7.32 -12.11
CA TYR A 429 -20.98 -7.66 -11.48
C TYR A 429 -20.72 -6.70 -10.30
N VAL A 430 -21.05 -5.43 -10.50
CA VAL A 430 -20.87 -4.43 -9.44
C VAL A 430 -21.81 -4.74 -8.26
N ARG A 431 -23.04 -5.16 -8.56
CA ARG A 431 -24.00 -5.49 -7.52
C ARG A 431 -23.53 -6.75 -6.79
N PHE A 432 -23.11 -7.74 -7.56
CA PHE A 432 -22.63 -8.99 -7.00
C PHE A 432 -21.56 -8.76 -5.93
N VAL A 433 -20.65 -7.83 -6.20
CA VAL A 433 -19.60 -7.50 -5.23
C VAL A 433 -20.24 -6.82 -4.01
N GLU A 434 -21.22 -5.97 -4.29
CA GLU A 434 -21.93 -5.24 -3.25
C GLU A 434 -22.66 -6.19 -2.31
N ASN A 435 -23.59 -6.95 -2.86
CA ASN A 435 -24.37 -7.89 -2.09
C ASN A 435 -23.53 -8.86 -1.26
N HIS A 436 -22.59 -9.56 -1.91
CA HIS A 436 -21.77 -10.51 -1.18
C HIS A 436 -20.84 -9.93 -0.13
N MET A 437 -20.69 -8.61 -0.11
CA MET A 437 -19.83 -7.99 0.89
C MET A 437 -20.62 -7.15 1.89
N GLY A 438 -21.87 -6.87 1.58
CA GLY A 438 -22.67 -6.08 2.48
C GLY A 438 -22.18 -4.65 2.54
N VAL A 439 -21.21 -4.33 1.70
CA VAL A 439 -20.65 -2.97 1.64
C VAL A 439 -20.99 -2.38 0.27
N ALA A 440 -21.21 -1.07 0.23
CA ALA A 440 -21.57 -0.40 -1.01
C ALA A 440 -20.36 0.04 -1.84
N VAL A 441 -20.55 0.02 -3.15
CA VAL A 441 -19.53 0.43 -4.12
C VAL A 441 -19.78 1.90 -4.45
N LYS A 442 -18.86 2.78 -4.06
CA LYS A 442 -19.00 4.20 -4.31
C LYS A 442 -18.30 4.68 -5.59
N TRP A 443 -17.33 3.91 -6.06
CA TRP A 443 -16.59 4.25 -7.27
C TRP A 443 -16.29 3.01 -8.11
N VAL A 444 -16.33 3.17 -9.43
CA VAL A 444 -16.00 2.08 -10.33
C VAL A 444 -14.89 2.60 -11.24
N GLY A 445 -13.77 1.88 -11.25
CA GLY A 445 -12.64 2.29 -12.09
C GLY A 445 -12.72 1.66 -13.48
N VAL A 446 -12.57 2.49 -14.51
CA VAL A 446 -12.62 2.00 -15.89
C VAL A 446 -11.35 2.36 -16.66
N GLY A 447 -10.40 3.00 -15.99
CA GLY A 447 -9.15 3.38 -16.64
C GLY A 447 -8.12 3.76 -15.60
N LYS A 448 -6.92 4.14 -16.06
CA LYS A 448 -5.82 4.52 -15.17
C LYS A 448 -5.90 5.98 -14.77
N SER A 449 -6.39 6.82 -15.68
CA SER A 449 -6.48 8.26 -15.43
C SER A 449 -7.57 8.65 -14.43
N ARG A 450 -7.39 9.83 -13.85
CA ARG A 450 -8.31 10.39 -12.88
C ARG A 450 -9.75 10.41 -13.38
N GLU A 451 -9.93 10.79 -14.65
CA GLU A 451 -11.25 10.88 -15.25
C GLU A 451 -11.94 9.54 -15.47
N SER A 452 -11.16 8.47 -15.55
CA SER A 452 -11.73 7.13 -15.76
C SER A 452 -12.38 6.56 -14.52
N MET A 453 -13.27 7.32 -13.91
CA MET A 453 -13.98 6.90 -12.70
C MET A 453 -15.46 7.14 -12.85
N ILE A 454 -16.25 6.35 -12.12
CA ILE A 454 -17.69 6.49 -12.11
C ILE A 454 -18.14 6.57 -10.65
N GLN A 455 -18.50 7.75 -10.17
CA GLN A 455 -18.98 7.84 -8.79
C GLN A 455 -20.44 7.39 -8.79
N LEU A 456 -20.74 6.32 -8.06
CA LEU A 456 -22.10 5.81 -8.03
C LEU A 456 -23.03 6.49 -7.04
N PHE A 457 -22.49 7.40 -6.22
CA PHE A 457 -23.31 8.11 -5.24
C PHE A 457 -22.50 9.09 -4.39
#